data_6X7X
#
_entry.id   6X7X
#
_cell.length_a   45.299
_cell.length_b   50.358
_cell.length_c   79.130
_cell.angle_alpha   90.000
_cell.angle_beta   90.000
_cell.angle_gamma   90.000
#
_symmetry.space_group_name_H-M   'P 21 21 21'
#
loop_
_entity.id
_entity.type
_entity.pdbx_description
1 polymer 'Antifreeze protein'
2 non-polymer 'CALCIUM ION'
3 non-polymer 1,2-ETHANEDIOL
4 non-polymer alpha-D-mannopyranose
5 non-polymer beta-D-mannopyranose
6 water water
#
_entity_poly.entity_id   1
_entity_poly.type   'polypeptide(L)'
_entity_poly.pdbx_seq_one_letter_code
;AQDDSTPDSLFAGLVGEYYGTNSQLNNISDFRALVDSKEADATFEAANISYGRGSSDVAKGTHLQEFLGSDASTLSTDPG
DNTDGGIYLQGYVYLEAGTYNFKVTADDGYEITINGNPVATVDNNQSVYTVTHASFTISESGYQAIDMIWWDQGGDYVFQ
PTLSADGGSTYFVLDSAILSSTGETPYTTA
;
_entity_poly.pdbx_strand_id   A
#
loop_
_chem_comp.id
_chem_comp.type
_chem_comp.name
_chem_comp.formula
BMA D-saccharide, beta linking beta-D-mannopyranose 'C6 H12 O6'
CA non-polymer 'CALCIUM ION' 'Ca 2'
EDO non-polymer 1,2-ETHANEDIOL 'C2 H6 O2'
MAN D-saccharide, alpha linking alpha-D-mannopyranose 'C6 H12 O6'
#
# COMPACT_ATOMS: atom_id res chain seq x y z
N GLN A 2 -10.32 -18.53 -0.37
CA GLN A 2 -9.60 -19.41 0.62
C GLN A 2 -8.69 -20.37 -0.14
N ASP A 3 -7.41 -20.43 0.25
CA ASP A 3 -6.43 -21.21 -0.51
C ASP A 3 -5.64 -22.25 0.36
N ASP A 4 -5.89 -22.29 1.68
CA ASP A 4 -5.22 -23.32 2.53
C ASP A 4 -6.10 -23.71 3.72
N SER A 5 -5.50 -24.27 4.77
CA SER A 5 -6.24 -24.81 5.93
C SER A 5 -6.31 -23.82 7.11
N THR A 6 -5.97 -22.55 6.89
CA THR A 6 -6.01 -21.57 7.96
C THR A 6 -7.12 -20.58 7.68
N PRO A 7 -8.05 -20.33 8.64
CA PRO A 7 -9.04 -19.28 8.47
C PRO A 7 -8.37 -17.90 8.37
N ASP A 8 -8.89 -17.04 7.53
CA ASP A 8 -8.29 -15.73 7.27
C ASP A 8 -9.16 -14.66 7.90
N SER A 9 -8.52 -13.73 8.60
CA SER A 9 -9.27 -12.63 9.20
C SER A 9 -10.04 -11.88 8.11
N LEU A 10 -11.32 -11.62 8.36
CA LEU A 10 -12.17 -10.77 7.49
C LEU A 10 -12.30 -9.38 8.11
N PHE A 11 -11.79 -8.37 7.41
CA PHE A 11 -11.90 -6.98 7.90
C PHE A 11 -11.97 -6.11 6.66
N ALA A 12 -12.35 -4.88 6.87
CA ALA A 12 -12.53 -3.89 5.82
C ALA A 12 -11.21 -3.17 5.59
N GLY A 13 -10.29 -3.86 4.95
CA GLY A 13 -8.94 -3.38 4.76
C GLY A 13 -8.16 -4.38 3.94
N LEU A 14 -6.91 -3.99 3.63
CA LEU A 14 -6.00 -4.89 3.01
C LEU A 14 -5.11 -5.55 4.07
N VAL A 15 -4.64 -6.75 3.78
CA VAL A 15 -3.65 -7.42 4.66
C VAL A 15 -2.31 -6.73 4.49
N GLY A 16 -1.78 -6.21 5.59
CA GLY A 16 -0.53 -5.45 5.54
C GLY A 16 0.62 -6.22 6.16
N GLU A 17 1.77 -6.12 5.47
CA GLU A 17 3.03 -6.64 5.98
C GLU A 17 4.07 -5.55 5.89
N TYR A 18 4.83 -5.42 6.93
CA TYR A 18 5.99 -4.48 6.99
C TYR A 18 7.27 -5.29 7.01
N TYR A 19 8.23 -4.83 6.21
CA TYR A 19 9.55 -5.42 6.17
C TYR A 19 10.61 -4.31 6.29
N GLY A 20 11.61 -4.55 7.13
CA GLY A 20 12.75 -3.65 7.27
C GLY A 20 14.01 -4.36 6.84
N THR A 21 15.03 -3.55 6.55
CA THR A 21 16.32 -4.06 6.07
C THR A 21 17.39 -2.99 6.33
N ASN A 22 18.64 -3.44 6.47
CA ASN A 22 19.78 -2.58 6.51
C ASN A 22 20.55 -2.49 5.20
N SER A 23 19.99 -3.06 4.17
CA SER A 23 20.45 -2.89 2.83
C SER A 23 19.71 -1.74 2.15
N GLN A 24 20.26 -1.30 1.01
CA GLN A 24 19.62 -0.16 0.32
C GLN A 24 18.45 -0.66 -0.54
N LEU A 25 17.30 0.02 -0.47
CA LEU A 25 16.23 -0.23 -1.41
C LEU A 25 16.27 0.86 -2.46
N ASN A 26 16.51 0.45 -3.70
CA ASN A 26 16.62 1.38 -4.86
C ASN A 26 15.42 1.34 -5.82
N ASN A 27 14.61 0.29 -5.76
CA ASN A 27 13.62 0.05 -6.80
C ASN A 27 12.67 -1.03 -6.34
N ILE A 28 11.62 -1.29 -7.14
CA ILE A 28 10.59 -2.25 -6.80
C ILE A 28 11.20 -3.61 -6.62
N SER A 29 12.12 -4.02 -7.52
CA SER A 29 12.74 -5.34 -7.44
C SER A 29 13.41 -5.54 -6.07
N ASP A 30 14.07 -4.53 -5.55
CA ASP A 30 14.75 -4.64 -4.28
C ASP A 30 13.76 -4.90 -3.13
N PHE A 31 12.65 -4.19 -3.17
CA PHE A 31 11.69 -4.33 -2.09
C PHE A 31 11.01 -5.70 -2.19
N ARG A 32 10.63 -6.11 -3.40
CA ARG A 32 9.98 -7.42 -3.57
C ARG A 32 10.94 -8.55 -3.13
N ALA A 33 12.23 -8.42 -3.42
CA ALA A 33 13.19 -9.44 -2.96
C ALA A 33 13.23 -9.46 -1.43
N LEU A 34 13.15 -8.29 -0.79
CA LEU A 34 13.12 -8.27 0.68
C LEU A 34 11.88 -9.02 1.18
N VAL A 35 10.71 -8.73 0.60
CA VAL A 35 9.49 -9.43 1.00
C VAL A 35 9.67 -10.94 0.88
N ASP A 36 10.27 -11.37 -0.22
CA ASP A 36 10.48 -12.81 -0.53
C ASP A 36 11.45 -13.47 0.46
N SER A 37 12.34 -12.68 1.03
CA SER A 37 13.57 -13.21 1.76
C SER A 37 13.24 -13.69 3.18
N LYS A 38 12.09 -13.30 3.74
CA LYS A 38 11.86 -13.58 5.16
C LYS A 38 10.39 -13.36 5.48
N GLU A 39 10.00 -13.78 6.69
CA GLU A 39 8.67 -13.44 7.20
C GLU A 39 8.60 -11.95 7.55
N ALA A 40 7.40 -11.40 7.44
CA ALA A 40 7.21 -9.98 7.74
C ALA A 40 7.73 -9.63 9.14
N ASP A 41 8.32 -8.45 9.26
CA ASP A 41 8.71 -7.94 10.56
C ASP A 41 7.52 -7.53 11.40
N ALA A 42 6.43 -7.15 10.76
CA ALA A 42 5.12 -6.88 11.49
C ALA A 42 4.00 -7.06 10.46
N THR A 43 2.82 -7.43 10.94
CA THR A 43 1.63 -7.40 10.13
C THR A 43 0.66 -6.37 10.72
N PHE A 44 -0.31 -5.95 9.89
CA PHE A 44 -1.30 -4.96 10.29
C PHE A 44 -2.46 -5.00 9.31
N GLU A 45 -3.54 -4.33 9.67
CA GLU A 45 -4.71 -4.18 8.84
C GLU A 45 -4.66 -2.79 8.23
N ALA A 46 -4.62 -2.75 6.88
CA ALA A 46 -4.52 -1.51 6.13
C ALA A 46 -5.93 -1.10 5.75
N ALA A 47 -6.56 -0.33 6.64
CA ALA A 47 -7.95 0.10 6.47
C ALA A 47 -8.12 1.55 6.06
N ASN A 48 -7.04 2.32 6.08
CA ASN A 48 -7.11 3.74 5.69
C ASN A 48 -5.76 4.09 5.07
N ILE A 49 -5.69 3.93 3.74
CA ILE A 49 -4.37 3.88 3.06
C ILE A 49 -3.94 5.30 2.67
N SER A 50 -3.52 6.03 3.70
CA SER A 50 -3.09 7.41 3.61
C SER A 50 -2.07 7.59 4.71
N TYR A 51 -0.79 7.39 4.42
CA TYR A 51 0.26 7.21 5.42
C TYR A 51 1.28 8.34 5.33
N GLY A 52 1.77 8.75 6.49
CA GLY A 52 2.80 9.84 6.56
C GLY A 52 2.10 11.17 6.41
N ARG A 53 2.89 12.24 6.18
CA ARG A 53 4.33 12.31 5.95
C ARG A 53 5.10 12.32 7.27
N GLY A 54 6.33 11.82 7.25
CA GLY A 54 7.27 11.94 8.34
C GLY A 54 8.70 12.01 7.87
N SER A 55 9.61 12.14 8.83
CA SER A 55 11.04 12.34 8.61
C SER A 55 11.85 11.34 9.42
N SER A 56 13.13 11.26 9.09
CA SER A 56 14.15 10.58 9.84
C SER A 56 13.92 9.06 9.82
N ASP A 57 13.59 8.55 8.63
CA ASP A 57 13.51 7.10 8.23
C ASP A 57 12.28 6.40 8.79
N VAL A 58 11.50 5.76 7.92
CA VAL A 58 10.28 5.04 8.39
C VAL A 58 10.64 3.83 9.28
N ALA A 59 11.83 3.25 9.09
CA ALA A 59 12.23 2.01 9.76
C ALA A 59 12.85 2.28 11.13
N LYS A 60 12.99 3.56 11.54
CA LYS A 60 13.59 3.82 12.83
C LYS A 60 12.54 4.11 13.90
N GLY A 61 12.84 3.77 15.17
CA GLY A 61 12.03 4.23 16.31
C GLY A 61 10.58 3.90 16.10
N THR A 62 9.72 4.88 16.40
CA THR A 62 8.28 4.75 16.28
C THR A 62 7.76 5.37 15.00
N HIS A 63 8.64 5.59 14.02
CA HIS A 63 8.20 6.24 12.80
C HIS A 63 7.18 5.43 12.01
N LEU A 64 7.26 4.11 12.03
CA LEU A 64 6.29 3.30 11.33
C LEU A 64 4.89 3.49 11.90
N GLN A 65 4.84 3.53 13.22
CA GLN A 65 3.54 3.73 13.92
C GLN A 65 2.94 5.09 13.53
N GLU A 66 3.78 6.13 13.52
CA GLU A 66 3.32 7.47 13.16
C GLU A 66 2.81 7.49 11.70
N PHE A 67 3.58 6.84 10.83
CA PHE A 67 3.25 6.74 9.39
C PHE A 67 1.89 6.08 9.22
N LEU A 68 1.71 4.92 9.86
CA LEU A 68 0.49 4.13 9.65
C LEU A 68 -0.75 4.77 10.33
N GLY A 69 -0.49 5.67 11.29
CA GLY A 69 -1.52 6.44 12.02
C GLY A 69 -2.63 5.55 12.55
N SER A 70 -3.85 5.74 12.01
CA SER A 70 -5.07 4.96 12.39
C SER A 70 -4.95 3.46 12.15
N ASP A 71 -4.02 2.95 11.37
CA ASP A 71 -3.89 1.48 11.17
C ASP A 71 -2.85 0.92 12.13
N ALA A 72 -2.06 1.75 12.81
CA ALA A 72 -0.98 1.25 13.68
C ALA A 72 -1.47 0.43 14.88
N SER A 73 -2.72 0.65 15.31
CA SER A 73 -3.26 -0.10 16.48
C SER A 73 -3.46 -1.58 16.15
N THR A 74 -3.34 -1.92 14.87
CA THR A 74 -3.44 -3.34 14.49
C THR A 74 -2.07 -3.99 14.23
N LEU A 75 -0.96 -3.33 14.57
CA LEU A 75 0.34 -3.93 14.42
C LEU A 75 0.50 -5.16 15.29
N SER A 76 1.07 -6.20 14.71
CA SER A 76 1.34 -7.42 15.39
C SER A 76 2.50 -7.30 16.39
N THR A 77 3.42 -6.38 16.13
CA THR A 77 4.59 -6.16 16.97
C THR A 77 5.12 -4.77 16.63
N ASP A 78 6.05 -4.31 17.47
CA ASP A 78 6.78 -3.07 17.16
C ASP A 78 8.12 -3.52 16.61
N PRO A 79 8.38 -3.35 15.30
CA PRO A 79 9.67 -3.76 14.77
C PRO A 79 10.84 -2.99 15.39
N GLY A 80 12.00 -3.65 15.45
CA GLY A 80 13.23 -2.97 15.80
C GLY A 80 13.67 -2.02 14.68
N ASP A 81 14.79 -1.35 14.93
CA ASP A 81 15.32 -0.41 13.98
C ASP A 81 15.87 -1.12 12.75
N ASN A 82 15.69 -0.44 11.61
CA ASN A 82 16.34 -0.74 10.34
C ASN A 82 16.64 0.57 9.67
N THR A 83 17.49 0.56 8.63
CA THR A 83 17.71 1.79 7.84
C THR A 83 16.60 2.05 6.81
N ASP A 84 16.09 0.99 6.20
CA ASP A 84 15.18 1.04 5.04
C ASP A 84 14.00 0.15 5.38
N GLY A 85 12.83 0.40 4.80
CA GLY A 85 11.75 -0.50 5.01
C GLY A 85 10.57 -0.15 4.11
N GLY A 86 9.57 -1.01 4.14
CA GLY A 86 8.40 -0.75 3.31
C GLY A 86 7.28 -1.72 3.65
N ILE A 87 6.17 -1.57 2.89
CA ILE A 87 4.97 -2.30 3.13
C ILE A 87 4.52 -3.03 1.86
N TYR A 88 3.92 -4.18 2.10
CA TYR A 88 3.27 -4.99 1.08
C TYR A 88 1.82 -5.18 1.52
N LEU A 89 0.85 -4.70 0.73
CA LEU A 89 -0.59 -4.80 1.06
C LEU A 89 -1.22 -5.69 0.01
N GLN A 90 -2.17 -6.54 0.43
CA GLN A 90 -2.92 -7.32 -0.53
C GLN A 90 -4.33 -7.61 -0.02
N GLY A 91 -5.26 -7.66 -0.96
CA GLY A 91 -6.64 -8.02 -0.69
C GLY A 91 -7.48 -7.68 -1.86
N TYR A 92 -8.62 -7.05 -1.56
CA TYR A 92 -9.71 -6.79 -2.52
C TYR A 92 -10.20 -5.38 -2.33
N VAL A 93 -10.67 -4.83 -3.45
CA VAL A 93 -11.30 -3.50 -3.46
C VAL A 93 -12.57 -3.54 -4.30
N TYR A 94 -13.68 -3.03 -3.77
CA TYR A 94 -14.95 -3.05 -4.47
C TYR A 94 -14.92 -1.91 -5.49
N LEU A 95 -15.04 -2.26 -6.78
CA LEU A 95 -15.09 -1.31 -7.89
C LEU A 95 -16.21 -1.77 -8.83
N GLU A 96 -17.06 -0.82 -9.23
CA GLU A 96 -17.99 -1.02 -10.28
C GLU A 96 -17.24 -1.00 -11.63
N ALA A 97 -17.82 -1.67 -12.62
CA ALA A 97 -17.20 -1.67 -13.96
C ALA A 97 -17.15 -0.21 -14.45
N GLY A 98 -16.05 0.14 -15.11
CA GLY A 98 -15.83 1.44 -15.63
C GLY A 98 -14.36 1.77 -15.68
N THR A 99 -14.07 3.06 -15.82
CA THR A 99 -12.71 3.59 -16.05
C THR A 99 -12.25 4.31 -14.77
N TYR A 100 -10.99 4.12 -14.41
CA TYR A 100 -10.40 4.65 -13.16
C TYR A 100 -8.97 5.13 -13.43
N ASN A 101 -8.44 5.96 -12.53
CA ASN A 101 -7.03 6.20 -12.56
C ASN A 101 -6.56 6.58 -11.16
N PHE A 102 -5.34 6.16 -10.84
CA PHE A 102 -4.68 6.55 -9.57
C PHE A 102 -3.98 7.89 -9.70
N LYS A 103 -3.93 8.60 -8.56
CA LYS A 103 -3.02 9.75 -8.38
C LYS A 103 -2.34 9.52 -7.04
N VAL A 104 -1.03 9.36 -7.05
CA VAL A 104 -0.32 8.88 -5.89
C VAL A 104 0.75 9.88 -5.46
N THR A 105 0.73 10.21 -4.17
CA THR A 105 1.78 11.03 -3.55
C THR A 105 2.67 10.08 -2.78
N ALA A 106 3.97 10.12 -2.99
CA ALA A 106 4.85 9.14 -2.33
C ALA A 106 6.26 9.66 -2.23
N ASP A 107 6.91 9.18 -1.18
CA ASP A 107 8.36 9.11 -1.00
C ASP A 107 8.62 7.81 -0.25
N ASP A 108 9.31 6.79 -0.82
CA ASP A 108 9.97 6.73 -2.11
C ASP A 108 9.00 6.14 -3.11
N GLY A 109 9.37 5.02 -3.74
CA GLY A 109 8.57 4.49 -4.81
C GLY A 109 7.49 3.49 -4.40
N TYR A 110 6.81 2.94 -5.39
CA TYR A 110 5.64 2.08 -5.15
C TYR A 110 5.25 1.35 -6.44
N GLU A 111 4.43 0.33 -6.26
CA GLU A 111 3.70 -0.24 -7.36
C GLU A 111 2.38 -0.78 -6.87
N ILE A 112 1.29 -0.45 -7.59
CA ILE A 112 -0.09 -0.93 -7.34
C ILE A 112 -0.49 -1.76 -8.54
N THR A 113 -1.01 -2.95 -8.24
N THR A 113 -1.12 -2.90 -8.22
CA THR A 113 -1.58 -3.82 -9.26
CA THR A 113 -1.54 -3.88 -9.18
C THR A 113 -3.04 -4.10 -8.92
C THR A 113 -3.01 -4.26 -8.92
N ILE A 114 -3.84 -4.25 -9.98
CA ILE A 114 -5.25 -4.65 -9.88
C ILE A 114 -5.49 -5.79 -10.82
N ASN A 115 -6.04 -6.88 -10.28
CA ASN A 115 -6.25 -8.08 -11.05
C ASN A 115 -4.98 -8.48 -11.82
N GLY A 116 -3.82 -8.38 -11.15
CA GLY A 116 -2.57 -8.83 -11.65
C GLY A 116 -1.86 -7.82 -12.52
N ASN A 117 -2.50 -6.71 -12.90
CA ASN A 117 -1.94 -5.77 -13.87
C ASN A 117 -1.48 -4.51 -13.18
N PRO A 118 -0.24 -4.06 -13.38
CA PRO A 118 0.21 -2.82 -12.76
C PRO A 118 -0.60 -1.66 -13.32
N VAL A 119 -1.02 -0.79 -12.41
CA VAL A 119 -1.81 0.39 -12.72
C VAL A 119 -1.20 1.66 -12.12
N ALA A 120 -0.14 1.57 -11.33
CA ALA A 120 0.55 2.79 -10.88
C ALA A 120 1.94 2.34 -10.44
N THR A 121 2.99 2.88 -11.08
CA THR A 121 4.33 2.42 -10.83
C THR A 121 5.26 3.64 -10.72
N VAL A 122 6.09 3.64 -9.67
CA VAL A 122 7.30 4.49 -9.58
C VAL A 122 8.43 3.56 -9.16
N ASP A 123 9.30 3.26 -10.10
CA ASP A 123 10.33 2.23 -9.89
C ASP A 123 11.67 2.87 -9.50
N ASN A 124 11.66 3.82 -8.58
CA ASN A 124 12.89 4.48 -8.17
C ASN A 124 12.61 5.23 -6.88
N ASN A 125 13.67 5.71 -6.26
CA ASN A 125 13.54 6.55 -5.10
C ASN A 125 13.21 7.99 -5.50
N GLN A 126 12.60 8.73 -4.60
CA GLN A 126 12.21 10.11 -4.87
C GLN A 126 11.80 10.82 -3.59
N SER A 127 12.16 12.09 -3.49
N SER A 127 12.07 12.12 -3.55
CA SER A 127 11.50 12.96 -2.54
CA SER A 127 11.42 12.98 -2.60
C SER A 127 10.02 13.11 -2.93
C SER A 127 9.92 13.10 -2.94
N VAL A 128 9.21 13.62 -1.99
N VAL A 128 9.16 13.66 -2.00
CA VAL A 128 7.76 13.58 -2.11
CA VAL A 128 7.71 13.65 -2.09
C VAL A 128 7.37 14.12 -3.49
C VAL A 128 7.27 14.18 -3.45
N TYR A 129 6.49 13.37 -4.17
CA TYR A 129 6.10 13.71 -5.50
C TYR A 129 4.75 13.08 -5.79
N THR A 130 3.92 13.81 -6.56
CA THR A 130 2.58 13.30 -6.91
C THR A 130 2.51 13.03 -8.42
N VAL A 131 2.16 11.79 -8.77
CA VAL A 131 1.97 11.39 -10.15
C VAL A 131 0.50 11.08 -10.38
N THR A 132 -0.03 11.62 -11.48
CA THR A 132 -1.36 11.24 -12.02
C THR A 132 -1.10 10.15 -13.05
N HIS A 133 -1.52 8.92 -12.74
CA HIS A 133 -1.23 7.75 -13.57
C HIS A 133 -2.31 7.62 -14.64
N ALA A 134 -1.95 6.82 -15.64
CA ALA A 134 -2.85 6.57 -16.77
C ALA A 134 -4.06 5.73 -16.33
N SER A 135 -5.17 5.90 -17.07
N SER A 135 -5.16 5.90 -17.08
CA SER A 135 -6.41 5.25 -16.74
CA SER A 135 -6.42 5.24 -16.79
C SER A 135 -6.37 3.76 -17.08
C SER A 135 -6.34 3.74 -17.06
N PHE A 136 -7.25 3.02 -16.40
CA PHE A 136 -7.41 1.59 -16.60
C PHE A 136 -8.90 1.31 -16.50
N THR A 137 -9.30 0.17 -17.03
N THR A 137 -9.29 0.14 -16.97
CA THR A 137 -10.66 -0.27 -16.99
CA THR A 137 -10.66 -0.28 -17.06
C THR A 137 -10.83 -1.45 -16.02
C THR A 137 -10.92 -1.54 -16.21
N ILE A 138 -12.02 -1.50 -15.45
CA ILE A 138 -12.55 -2.64 -14.72
C ILE A 138 -13.70 -3.19 -15.56
N SER A 139 -13.65 -4.49 -15.88
CA SER A 139 -14.57 -5.14 -16.80
C SER A 139 -15.88 -5.55 -16.12
N GLU A 140 -15.79 -6.00 -14.84
CA GLU A 140 -16.97 -6.57 -14.17
C GLU A 140 -17.02 -5.98 -12.76
N SER A 141 -18.16 -5.43 -12.37
CA SER A 141 -18.35 -4.92 -11.01
C SER A 141 -18.08 -6.02 -9.98
N GLY A 142 -17.52 -5.60 -8.85
CA GLY A 142 -17.36 -6.44 -7.70
C GLY A 142 -16.03 -6.19 -7.02
N TYR A 143 -15.65 -7.12 -6.17
CA TYR A 143 -14.34 -7.06 -5.48
C TYR A 143 -13.24 -7.47 -6.47
N GLN A 144 -12.32 -6.54 -6.71
CA GLN A 144 -11.15 -6.70 -7.62
C GLN A 144 -9.97 -7.03 -6.71
N ALA A 145 -9.12 -7.92 -7.15
CA ALA A 145 -7.88 -8.18 -6.41
C ALA A 145 -6.95 -6.96 -6.53
N ILE A 146 -6.29 -6.61 -5.45
CA ILE A 146 -5.40 -5.49 -5.44
C ILE A 146 -4.20 -5.87 -4.59
N ASP A 147 -3.03 -5.38 -4.99
CA ASP A 147 -1.89 -5.38 -4.09
C ASP A 147 -1.13 -4.09 -4.30
N MET A 148 -0.35 -3.76 -3.26
CA MET A 148 0.48 -2.59 -3.33
C MET A 148 1.82 -2.92 -2.66
N ILE A 149 2.86 -2.26 -3.15
CA ILE A 149 4.12 -2.14 -2.38
C ILE A 149 4.51 -0.67 -2.40
N TRP A 150 5.19 -0.28 -1.33
CA TRP A 150 5.75 1.04 -1.13
C TRP A 150 6.96 0.83 -0.27
N TRP A 151 7.98 1.70 -0.44
CA TRP A 151 9.12 1.64 0.47
C TRP A 151 9.67 3.03 0.69
N ASP A 152 10.53 3.07 1.72
CA ASP A 152 11.40 4.21 2.08
C ASP A 152 12.83 3.74 2.13
N GLN A 153 13.68 4.40 1.34
N GLN A 153 13.68 4.40 1.34
CA GLN A 153 15.12 4.14 1.37
CA GLN A 153 15.14 4.18 1.36
C GLN A 153 15.81 4.94 2.47
C GLN A 153 15.80 4.89 2.53
N GLY A 154 15.09 5.82 3.16
CA GLY A 154 15.59 6.68 4.20
C GLY A 154 15.09 8.08 4.00
N GLY A 155 15.19 8.85 5.09
CA GLY A 155 14.81 10.22 5.05
C GLY A 155 13.32 10.45 5.31
N ASP A 156 12.68 11.21 4.43
N ASP A 156 12.68 11.20 4.41
CA ASP A 156 11.26 11.46 4.54
CA ASP A 156 11.27 11.45 4.50
C ASP A 156 10.48 10.27 3.94
C ASP A 156 10.48 10.26 3.93
N TYR A 157 9.19 10.20 4.24
CA TYR A 157 8.34 9.08 3.81
C TYR A 157 6.91 9.54 3.77
N VAL A 158 6.19 9.10 2.76
CA VAL A 158 4.79 9.40 2.59
C VAL A 158 4.23 8.41 1.59
N PHE A 159 2.95 8.01 1.77
CA PHE A 159 2.28 7.18 0.78
C PHE A 159 0.78 7.42 0.82
N GLN A 160 0.24 8.02 -0.24
CA GLN A 160 -1.23 8.26 -0.36
C GLN A 160 -1.65 8.00 -1.78
N PRO A 161 -2.12 6.77 -2.10
N PRO A 161 -2.06 6.75 -2.08
CA PRO A 161 -2.62 6.45 -3.45
CA PRO A 161 -2.71 6.44 -3.34
C PRO A 161 -4.14 6.62 -3.60
C PRO A 161 -4.13 7.02 -3.20
N THR A 162 -4.55 7.73 -4.22
CA THR A 162 -5.92 8.12 -4.36
C THR A 162 -6.40 7.65 -5.72
N LEU A 163 -7.72 7.38 -5.80
CA LEU A 163 -8.35 6.81 -7.00
C LEU A 163 -9.49 7.70 -7.48
N SER A 164 -9.60 7.88 -8.80
CA SER A 164 -10.71 8.59 -9.42
C SER A 164 -11.53 7.63 -10.25
N ALA A 165 -12.85 7.76 -10.14
CA ALA A 165 -13.86 7.08 -10.96
C ALA A 165 -14.51 8.01 -11.97
N ASP A 166 -14.08 9.28 -11.99
CA ASP A 166 -14.82 10.29 -12.79
C ASP A 166 -13.87 11.12 -13.66
N GLY A 167 -12.83 10.46 -14.17
CA GLY A 167 -11.92 11.07 -15.11
C GLY A 167 -11.01 12.10 -14.48
N GLY A 168 -10.71 11.93 -13.20
CA GLY A 168 -9.74 12.79 -12.55
C GLY A 168 -10.35 14.05 -11.98
N SER A 169 -11.70 14.14 -11.93
CA SER A 169 -12.36 15.30 -11.34
C SER A 169 -12.38 15.24 -9.81
N THR A 170 -12.55 14.03 -9.27
CA THR A 170 -12.51 13.81 -7.84
C THR A 170 -11.73 12.52 -7.57
N TYR A 171 -11.08 12.46 -6.41
CA TYR A 171 -10.29 11.32 -5.99
C TYR A 171 -10.67 10.93 -4.56
N PHE A 172 -10.54 9.64 -4.25
CA PHE A 172 -10.79 9.17 -2.90
C PHE A 172 -9.61 8.30 -2.43
N VAL A 173 -9.44 8.25 -1.10
CA VAL A 173 -8.57 7.32 -0.45
C VAL A 173 -9.25 5.96 -0.41
N LEU A 174 -8.45 4.90 -0.48
CA LEU A 174 -8.94 3.52 -0.32
C LEU A 174 -9.00 3.25 1.16
N ASP A 175 -10.20 2.94 1.64
CA ASP A 175 -10.42 2.77 3.05
C ASP A 175 -11.53 1.74 3.24
N SER A 176 -11.99 1.63 4.49
N SER A 176 -12.00 1.64 4.48
CA SER A 176 -12.92 0.60 4.91
CA SER A 176 -12.95 0.60 4.88
C SER A 176 -14.25 0.69 4.14
C SER A 176 -14.24 0.65 4.06
N ALA A 177 -14.58 1.79 3.44
CA ALA A 177 -15.81 1.82 2.62
C ALA A 177 -15.84 0.71 1.54
N ILE A 178 -14.66 0.37 1.00
CA ILE A 178 -14.59 -0.48 -0.23
C ILE A 178 -13.58 -1.63 -0.10
N LEU A 179 -12.72 -1.64 0.92
CA LEU A 179 -11.67 -2.67 1.02
C LEU A 179 -12.23 -3.92 1.70
N SER A 180 -11.68 -5.07 1.29
CA SER A 180 -11.97 -6.35 1.96
C SER A 180 -10.71 -7.18 1.98
N SER A 181 -10.42 -7.81 3.11
CA SER A 181 -9.23 -8.61 3.24
C SER A 181 -9.33 -9.91 2.44
N THR A 182 -10.55 -10.45 2.27
CA THR A 182 -10.72 -11.79 1.66
C THR A 182 -11.58 -11.80 0.39
N GLY A 183 -12.28 -10.69 0.13
CA GLY A 183 -13.23 -10.63 -0.97
C GLY A 183 -14.66 -10.93 -0.56
N GLU A 184 -14.87 -11.27 0.73
CA GLU A 184 -16.20 -11.35 1.28
C GLU A 184 -16.58 -9.94 1.76
N THR A 185 -17.89 -9.70 1.91
CA THR A 185 -18.35 -8.40 2.38
C THR A 185 -18.02 -8.24 3.84
N PRO A 186 -17.29 -7.19 4.24
CA PRO A 186 -17.07 -6.97 5.66
C PRO A 186 -18.19 -6.14 6.27
N TYR A 187 -18.65 -6.58 7.42
CA TYR A 187 -19.64 -5.88 8.28
C TYR A 187 -18.93 -5.51 9.61
N THR A 188 -18.11 -4.48 9.57
CA THR A 188 -17.27 -3.71 10.58
C THR A 188 -15.76 -3.76 10.25
CA CA B . 12.60 8.48 1.68
CA CA C . 18.88 3.34 2.49
CA CA D . -6.82 2.39 14.88
CA CA E . 10.16 0.40 16.15
CA CA F . -6.10 -19.04 4.45
CA CA G . 7.74 -12.93 3.12
CA CA H . -2.19 9.74 9.43
CA CA I . -10.79 17.93 -8.33
C1 EDO J . 14.85 -5.12 13.61
O1 EDO J . 16.00 -4.60 14.28
C2 EDO J . 15.18 -5.88 12.35
O2 EDO J . 13.98 -6.08 11.59
C1 MAN K . 15.91 12.79 -0.14
C2 MAN K . 14.63 12.66 0.71
C3 MAN K . 14.24 11.20 0.83
C4 MAN K . 14.15 10.51 -0.51
C5 MAN K . 15.44 10.74 -1.27
C6 MAN K . 15.26 10.14 -2.67
O1 MAN K . 17.08 12.29 0.54
O2 MAN K . 13.55 13.35 0.10
O3 MAN K . 13.04 10.92 1.60
O4 MAN K . 14.16 9.13 -0.17
O5 MAN K . 15.73 12.13 -1.39
O6 MAN K . 16.51 10.37 -3.37
C1 BMA L . 15.10 10.90 -1.55
C1 BMA L . 15.91 12.72 -0.09
C2 BMA L . 14.01 10.48 -0.59
C2 BMA L . 14.61 12.64 0.72
C3 BMA L . 14.05 11.36 0.66
C3 BMA L . 14.25 11.18 0.85
C4 BMA L . 15.46 11.42 1.19
C4 BMA L . 14.15 10.50 -0.50
C5 BMA L . 16.36 11.93 0.08
C5 BMA L . 15.44 10.74 -1.28
C6 BMA L . 17.74 12.06 0.62
C6 BMA L . 15.27 10.15 -2.67
O1 BMA L . 15.15 10.06 -2.71
O1 BMA L . 16.22 14.10 -0.27
O2 BMA L . 14.17 9.13 -0.16
O2 BMA L . 13.55 13.35 0.09
O3 BMA L . 13.07 10.90 1.61
O3 BMA L . 13.04 10.93 1.61
O4 BMA L . 15.47 12.35 2.28
O4 BMA L . 14.15 9.12 -0.17
O5 BMA L . 16.34 10.89 -0.91
O5 BMA L . 15.72 12.13 -1.38
O6 BMA L . 18.69 12.01 -0.46
O6 BMA L . 16.50 10.37 -3.38
C1 EDO M . 18.91 6.56 -4.04
O1 EDO M . 18.17 7.59 -3.43
C2 EDO M . 18.45 6.24 -5.41
O2 EDO M . 18.76 4.94 -5.85
H11 EDO M . 19.85 6.81 -4.06
H12 EDO M . 18.84 5.75 -3.49
HO1 EDO M . 18.71 8.20 -3.16
H21 EDO M . 17.48 6.37 -5.46
H22 EDO M . 18.87 6.88 -6.03
HO2 EDO M . 19.28 4.99 -6.52
CA CA N . -17.18 6.87 -13.77
#